data_6V0M
#
_entry.id   6V0M
#
_cell.length_a   45.415
_cell.length_b   53.558
_cell.length_c   96.258
_cell.angle_alpha   90.00
_cell.angle_beta   90.00
_cell.angle_gamma   90.00
#
_symmetry.space_group_name_H-M   'P 21 21 21'
#
loop_
_entity.id
_entity.type
_entity.pdbx_description
1 polymer 'Mitogen-activated protein kinase kinase kinase 15'
2 water water
#
_entity_poly.entity_id   1
_entity_poly.type   'polypeptide(L)'
_entity_poly.pdbx_seq_one_letter_code
;GPGDKELIDWLRLQGADAKTIEKIVEEGYTLSDILNEITKEDLRYLRLRGGLLCRLWSAVSQYRRAQEASE
;
_entity_poly.pdbx_strand_id   A,B,C
#
# COMPACT_ATOMS: atom_id res chain seq x y z
N GLY A 1 4.31 -11.95 -1.32
CA GLY A 1 4.33 -13.33 -0.77
C GLY A 1 5.42 -13.41 0.31
N PRO A 2 5.35 -14.43 1.17
CA PRO A 2 6.39 -14.66 2.18
C PRO A 2 7.73 -14.78 1.55
N GLY A 3 8.72 -14.05 2.09
CA GLY A 3 10.07 -14.00 1.54
C GLY A 3 10.30 -13.06 0.35
N ASP A 4 9.25 -12.38 -0.10
CA ASP A 4 9.47 -11.38 -1.11
C ASP A 4 10.25 -10.16 -0.61
N LYS A 5 10.27 -9.92 0.70
CA LYS A 5 11.04 -8.77 1.20
C LYS A 5 12.51 -8.92 0.77
N GLU A 6 13.09 -10.10 0.93
CA GLU A 6 14.51 -10.34 0.54
C GLU A 6 14.73 -10.13 -0.97
N LEU A 7 13.78 -10.61 -1.77
CA LEU A 7 13.80 -10.44 -3.22
C LEU A 7 13.69 -8.98 -3.57
N ILE A 8 12.68 -8.30 -3.04
CA ILE A 8 12.42 -6.89 -3.35
C ILE A 8 13.64 -6.00 -3.00
N ASP A 9 14.23 -6.23 -1.82
CA ASP A 9 15.38 -5.46 -1.39
C ASP A 9 16.58 -5.62 -2.34
N TRP A 10 16.84 -6.86 -2.77
CA TRP A 10 17.94 -7.19 -3.68
C TRP A 10 17.69 -6.57 -5.08
N LEU A 11 16.45 -6.64 -5.59
CA LEU A 11 16.05 -6.05 -6.85
C LEU A 11 16.28 -4.52 -6.82
N ARG A 12 15.89 -3.86 -5.72
CA ARG A 12 16.07 -2.43 -5.55
C ARG A 12 17.54 -2.08 -5.52
N LEU A 13 18.35 -2.93 -4.90
CA LEU A 13 19.82 -2.74 -4.86
C LEU A 13 20.44 -2.79 -6.29
N GLN A 14 19.83 -3.52 -7.21
CA GLN A 14 20.24 -3.58 -8.61
C GLN A 14 19.60 -2.45 -9.45
N GLY A 15 18.81 -1.58 -8.79
CA GLY A 15 18.18 -0.40 -9.41
C GLY A 15 16.86 -0.62 -10.10
N ALA A 16 16.12 -1.67 -9.68
CA ALA A 16 14.87 -1.98 -10.30
C ALA A 16 13.80 -1.00 -9.80
N ASP A 17 12.95 -0.57 -10.73
CA ASP A 17 11.81 0.32 -10.49
C ASP A 17 10.61 -0.52 -9.98
N ALA A 18 9.64 0.17 -9.39
CA ALA A 18 8.50 -0.48 -8.74
C ALA A 18 7.70 -1.36 -9.70
N LYS A 19 7.52 -0.92 -10.95
CA LYS A 19 6.75 -1.71 -11.92
C LYS A 19 7.45 -2.97 -12.29
N THR A 20 8.78 -2.92 -12.44
CA THR A 20 9.55 -4.09 -12.72
C THR A 20 9.54 -5.09 -11.58
N ILE A 21 9.64 -4.57 -10.35
CA ILE A 21 9.59 -5.36 -9.16
C ILE A 21 8.22 -6.10 -9.12
N GLU A 22 7.16 -5.39 -9.45
CA GLU A 22 5.82 -6.02 -9.48
C GLU A 22 5.70 -7.17 -10.44
N LYS A 23 6.26 -6.97 -11.64
CA LYS A 23 6.29 -7.99 -12.66
C LYS A 23 7.01 -9.26 -12.20
N ILE A 24 8.20 -9.09 -11.61
CA ILE A 24 8.94 -10.23 -11.12
C ILE A 24 8.24 -10.99 -9.99
N VAL A 25 7.71 -10.21 -9.05
CA VAL A 25 6.96 -10.79 -7.92
C VAL A 25 5.72 -11.52 -8.41
N GLU A 26 5.00 -10.92 -9.36
CA GLU A 26 3.75 -11.57 -9.88
C GLU A 26 4.00 -12.91 -10.52
N GLU A 27 5.23 -13.14 -11.04
CA GLU A 27 5.61 -14.45 -11.55
C GLU A 27 6.04 -15.44 -10.51
N GLY A 28 6.16 -15.02 -9.25
CA GLY A 28 6.44 -15.94 -8.18
C GLY A 28 7.92 -16.36 -8.19
N TYR A 29 8.76 -15.54 -8.80
CA TYR A 29 10.25 -15.73 -8.64
C TYR A 29 10.65 -15.49 -7.19
N THR A 30 11.55 -16.33 -6.70
CA THR A 30 12.21 -16.13 -5.40
C THR A 30 13.60 -15.63 -5.73
N LEU A 31 14.26 -15.11 -4.70
CA LEU A 31 15.63 -14.67 -4.83
C LEU A 31 16.46 -15.90 -5.24
N SER A 32 16.18 -17.05 -4.63
CA SER A 32 16.89 -18.27 -5.05
C SER A 32 16.82 -18.56 -6.55
N ASP A 33 15.61 -18.42 -7.10
CA ASP A 33 15.41 -18.62 -8.52
C ASP A 33 16.31 -17.67 -9.34
N ILE A 34 16.37 -16.38 -8.94
CA ILE A 34 17.08 -15.35 -9.67
C ILE A 34 18.59 -15.67 -9.62
N LEU A 35 19.06 -15.97 -8.41
CA LEU A 35 20.53 -16.25 -8.25
C LEU A 35 21.00 -17.52 -8.96
N ASN A 36 20.16 -18.56 -8.91
CA ASN A 36 20.55 -19.93 -9.31
C ASN A 36 19.96 -20.50 -10.64
N GLU A 37 18.72 -20.12 -10.97
CA GLU A 37 17.96 -20.83 -12.01
C GLU A 37 17.67 -20.06 -13.26
N ILE A 38 17.41 -18.75 -13.15
CA ILE A 38 17.01 -18.01 -14.35
C ILE A 38 18.10 -17.89 -15.40
N THR A 39 17.64 -17.75 -16.63
CA THR A 39 18.51 -17.50 -17.76
C THR A 39 18.27 -16.11 -18.21
N LYS A 40 19.18 -15.61 -19.05
CA LYS A 40 19.00 -14.29 -19.61
C LYS A 40 17.70 -14.26 -20.43
N GLU A 41 17.35 -15.37 -21.07
CA GLU A 41 16.12 -15.43 -21.87
C GLU A 41 14.85 -15.18 -21.05
N ASP A 42 14.86 -15.61 -19.80
CA ASP A 42 13.73 -15.35 -18.83
C ASP A 42 13.61 -13.87 -18.63
N LEU A 43 14.75 -13.18 -18.45
CA LEU A 43 14.74 -11.73 -18.25
C LEU A 43 14.20 -10.99 -19.51
N ARG A 44 14.63 -11.43 -20.70
CA ARG A 44 14.12 -10.86 -21.95
C ARG A 44 12.61 -11.08 -22.10
N TYR A 45 12.15 -12.27 -21.72
CA TYR A 45 10.70 -12.57 -21.82
C TYR A 45 9.91 -11.65 -20.89
N LEU A 46 10.50 -11.31 -19.74
CA LEU A 46 9.87 -10.36 -18.82
C LEU A 46 9.87 -8.95 -19.34
N ARG A 47 10.52 -8.74 -20.48
CA ARG A 47 10.70 -7.42 -21.09
C ARG A 47 11.39 -6.39 -20.18
N LEU A 48 12.44 -6.84 -19.49
CA LEU A 48 13.30 -5.96 -18.74
C LEU A 48 14.03 -5.04 -19.68
N ARG A 49 14.12 -3.76 -19.30
CA ARG A 49 14.92 -2.78 -20.00
C ARG A 49 16.42 -3.12 -19.84
N GLY A 50 17.19 -2.75 -20.84
CA GLY A 50 18.60 -3.14 -20.99
C GLY A 50 19.47 -2.86 -19.78
N GLY A 51 19.34 -1.66 -19.21
CA GLY A 51 20.16 -1.23 -18.06
C GLY A 51 20.00 -2.16 -16.88
N LEU A 52 18.74 -2.39 -16.48
CA LEU A 52 18.49 -3.27 -15.37
C LEU A 52 18.89 -4.69 -15.70
N LEU A 53 18.61 -5.14 -16.94
CA LEU A 53 18.91 -6.49 -17.32
C LEU A 53 20.43 -6.69 -17.24
N CYS A 54 21.16 -5.67 -17.67
CA CYS A 54 22.67 -5.74 -17.67
C CYS A 54 23.20 -5.86 -16.25
N ARG A 55 22.70 -4.98 -15.38
CA ARG A 55 23.05 -4.94 -13.96
C ARG A 55 22.69 -6.18 -13.22
N LEU A 56 21.44 -6.62 -13.43
CA LEU A 56 20.94 -7.76 -12.75
C LEU A 56 21.71 -9.04 -13.14
N TRP A 57 21.90 -9.22 -14.45
CA TRP A 57 22.59 -10.39 -14.91
C TRP A 57 24.07 -10.38 -14.49
N SER A 58 24.68 -9.20 -14.45
CA SER A 58 26.07 -9.10 -13.97
C SER A 58 26.17 -9.56 -12.51
N ALA A 59 25.21 -9.13 -11.67
CA ALA A 59 25.15 -9.59 -10.27
C ALA A 59 24.95 -11.12 -10.14
N VAL A 60 23.98 -11.65 -10.87
CA VAL A 60 23.70 -13.07 -10.89
C VAL A 60 24.98 -13.86 -11.37
N SER A 61 25.61 -13.40 -12.47
CA SER A 61 26.75 -14.08 -13.04
C SER A 61 27.95 -14.11 -12.08
N GLN A 62 28.21 -12.99 -11.41
CA GLN A 62 29.29 -12.93 -10.39
C GLN A 62 29.04 -13.87 -9.21
N TYR A 63 27.78 -13.96 -8.77
CA TYR A 63 27.39 -14.88 -7.72
C TYR A 63 27.66 -16.31 -8.17
N ARG A 64 27.24 -16.63 -9.39
CA ARG A 64 27.38 -18.00 -9.90
C ARG A 64 28.84 -18.40 -10.13
N ARG A 65 29.61 -17.44 -10.62
CA ARG A 65 31.08 -17.66 -10.81
C ARG A 65 31.79 -17.89 -9.49
N ALA A 66 31.44 -17.11 -8.48
CA ALA A 66 32.02 -17.25 -7.16
C ALA A 66 31.69 -18.60 -6.54
N GLN A 67 30.39 -18.97 -6.61
CA GLN A 67 30.00 -20.29 -6.14
C GLN A 67 30.75 -21.42 -6.84
N GLU A 68 30.84 -21.37 -8.16
CA GLU A 68 31.48 -22.42 -8.92
C GLU A 68 32.97 -22.40 -8.67
N ALA A 69 33.53 -21.18 -8.58
CA ALA A 69 34.99 -21.00 -8.33
C ALA A 69 35.35 -21.54 -6.96
N SER A 70 34.42 -21.46 -6.01
CA SER A 70 34.73 -21.78 -4.61
C SER A 70 34.65 -23.26 -4.38
N GLU A 71 33.76 -23.95 -5.12
CA GLU A 71 33.65 -25.40 -5.20
C GLU A 71 33.78 -26.10 -3.85
N GLY B 1 4.94 -13.18 -5.09
CA GLY B 1 4.60 -14.58 -4.98
C GLY B 1 3.39 -14.95 -5.85
N PRO B 2 3.16 -16.26 -6.04
CA PRO B 2 1.99 -16.75 -6.78
C PRO B 2 0.73 -16.18 -6.20
N GLY B 3 -0.13 -15.63 -7.06
CA GLY B 3 -1.35 -14.94 -6.61
C GLY B 3 -1.26 -13.44 -6.38
N ASP B 4 -0.03 -12.91 -6.32
CA ASP B 4 0.07 -11.48 -6.06
C ASP B 4 -0.42 -10.58 -7.19
N LYS B 5 -0.45 -11.08 -8.41
CA LYS B 5 -0.97 -10.28 -9.53
C LYS B 5 -2.40 -9.72 -9.20
N GLU B 6 -3.25 -10.61 -8.73
CA GLU B 6 -4.65 -10.26 -8.40
C GLU B 6 -4.71 -9.20 -7.27
N LEU B 7 -3.88 -9.42 -6.22
CA LEU B 7 -3.74 -8.52 -5.14
C LEU B 7 -3.25 -7.16 -5.54
N ILE B 8 -2.14 -7.14 -6.31
CA ILE B 8 -1.56 -5.87 -6.73
C ILE B 8 -2.58 -5.06 -7.58
N ASP B 9 -3.23 -5.73 -8.52
CA ASP B 9 -4.16 -5.04 -9.44
C ASP B 9 -5.36 -4.41 -8.69
N TRP B 10 -5.84 -5.11 -7.66
CA TRP B 10 -6.97 -4.63 -6.86
C TRP B 10 -6.54 -3.43 -5.98
N LEU B 11 -5.35 -3.51 -5.36
CA LEU B 11 -4.76 -2.41 -4.61
C LEU B 11 -4.55 -1.18 -5.41
N ARG B 12 -4.02 -1.34 -6.64
CA ARG B 12 -3.79 -0.24 -7.58
C ARG B 12 -5.13 0.40 -7.90
N LEU B 13 -6.14 -0.46 -8.11
CA LEU B 13 -7.49 0.03 -8.50
C LEU B 13 -8.10 0.90 -7.40
N GLN B 14 -7.77 0.62 -6.13
CA GLN B 14 -8.22 1.39 -4.99
C GLN B 14 -7.34 2.59 -4.69
N GLY B 15 -6.31 2.82 -5.54
CA GLY B 15 -5.47 4.00 -5.46
C GLY B 15 -4.28 3.89 -4.51
N ALA B 16 -3.88 2.67 -4.19
CA ALA B 16 -2.70 2.43 -3.37
C ALA B 16 -1.48 2.69 -4.26
N ASP B 17 -0.48 3.34 -3.64
CA ASP B 17 0.80 3.66 -4.23
C ASP B 17 1.75 2.47 -4.15
N ALA B 18 2.83 2.55 -4.94
CA ALA B 18 3.71 1.39 -5.10
C ALA B 18 4.36 0.98 -3.76
N LYS B 19 4.72 1.92 -2.91
CA LYS B 19 5.35 1.58 -1.63
C LYS B 19 4.40 0.85 -0.72
N THR B 20 3.13 1.25 -0.70
CA THR B 20 2.12 0.55 0.06
C THR B 20 1.91 -0.87 -0.44
N ILE B 21 1.86 -1.02 -1.76
CA ILE B 21 1.64 -2.27 -2.39
C ILE B 21 2.80 -3.20 -2.00
N GLU B 22 4.02 -2.68 -2.02
CA GLU B 22 5.24 -3.46 -1.70
C GLU B 22 5.17 -3.99 -0.26
N LYS B 23 4.77 -3.12 0.65
CA LYS B 23 4.55 -3.45 2.05
C LYS B 23 3.59 -4.57 2.25
N ILE B 24 2.39 -4.44 1.65
CA ILE B 24 1.39 -5.48 1.77
C ILE B 24 1.81 -6.81 1.16
N VAL B 25 2.44 -6.77 -0.01
CA VAL B 25 3.00 -7.97 -0.62
C VAL B 25 4.05 -8.63 0.29
N GLU B 26 4.98 -7.84 0.81
CA GLU B 26 6.07 -8.35 1.66
C GLU B 26 5.53 -9.00 2.94
N GLU B 27 4.35 -8.52 3.39
CA GLU B 27 3.68 -9.10 4.56
C GLU B 27 2.89 -10.35 4.25
N GLY B 28 2.85 -10.76 2.97
CA GLY B 28 2.26 -12.04 2.62
C GLY B 28 0.75 -12.05 2.73
N TYR B 29 0.10 -10.88 2.75
CA TYR B 29 -1.38 -10.84 2.59
C TYR B 29 -1.78 -11.30 1.21
N THR B 30 -2.88 -12.08 1.12
CA THR B 30 -3.51 -12.37 -0.15
C THR B 30 -4.68 -11.43 -0.35
N LEU B 31 -5.18 -11.37 -1.58
CA LEU B 31 -6.37 -10.60 -1.88
C LEU B 31 -7.50 -11.07 -0.99
N SER B 32 -7.68 -12.39 -0.90
CA SER B 32 -8.70 -12.93 -0.06
C SER B 32 -8.59 -12.48 1.42
N ASP B 33 -7.38 -12.43 1.96
CA ASP B 33 -7.16 -11.95 3.35
C ASP B 33 -7.65 -10.45 3.47
N ILE B 34 -7.40 -9.65 2.44
CA ILE B 34 -7.70 -8.18 2.46
C ILE B 34 -9.22 -8.09 2.46
N LEU B 35 -9.84 -8.81 1.52
CA LEU B 35 -11.30 -8.67 1.29
C LEU B 35 -12.11 -9.22 2.44
N ASN B 36 -11.62 -10.31 3.07
CA ASN B 36 -12.38 -11.08 4.03
C ASN B 36 -11.98 -11.04 5.49
N GLU B 37 -10.65 -10.96 5.75
CA GLU B 37 -10.12 -11.17 7.09
C GLU B 37 -9.60 -9.94 7.81
N ILE B 38 -8.94 -9.02 7.11
CA ILE B 38 -8.26 -7.94 7.80
C ILE B 38 -9.21 -7.01 8.56
N THR B 39 -8.67 -6.47 9.64
CA THR B 39 -9.32 -5.45 10.41
C THR B 39 -8.62 -4.13 10.14
N LYS B 40 -9.23 -3.05 10.62
CA LYS B 40 -8.55 -1.76 10.60
C LYS B 40 -7.13 -1.81 11.24
N GLU B 41 -7.01 -2.61 12.30
CA GLU B 41 -5.74 -2.73 13.02
C GLU B 41 -4.57 -3.23 12.13
N ASP B 42 -4.89 -4.12 11.19
CA ASP B 42 -3.95 -4.63 10.19
C ASP B 42 -3.40 -3.51 9.38
N LEU B 43 -4.29 -2.63 8.93
CA LEU B 43 -3.88 -1.49 8.11
C LEU B 43 -3.02 -0.49 8.90
N ARG B 44 -3.37 -0.24 10.16
CA ARG B 44 -2.59 0.61 11.03
C ARG B 44 -1.19 0.01 11.25
N TYR B 45 -1.12 -1.32 11.40
CA TYR B 45 0.17 -1.98 11.57
C TYR B 45 1.05 -1.80 10.33
N LEU B 46 0.43 -1.76 9.14
CA LEU B 46 1.13 -1.49 7.91
C LEU B 46 1.63 -0.05 7.83
N ARG B 47 1.19 0.78 8.78
CA ARG B 47 1.51 2.21 8.82
C ARG B 47 1.06 3.01 7.60
N LEU B 48 -0.14 2.70 7.13
CA LEU B 48 -0.74 3.44 6.04
C LEU B 48 -1.10 4.83 6.58
N ARG B 49 -0.94 5.85 5.72
CA ARG B 49 -1.50 7.18 5.96
C ARG B 49 -3.04 7.12 6.02
N GLY B 50 -3.64 8.02 6.80
CA GLY B 50 -5.08 8.00 7.09
C GLY B 50 -6.01 7.94 5.87
N GLY B 51 -5.73 8.79 4.87
CA GLY B 51 -6.51 8.86 3.65
C GLY B 51 -6.61 7.56 2.93
N LEU B 52 -5.45 6.94 2.67
CA LEU B 52 -5.43 5.67 1.99
C LEU B 52 -6.03 4.58 2.85
N LEU B 53 -5.75 4.60 4.15
CA LEU B 53 -6.33 3.62 5.04
C LEU B 53 -7.85 3.70 4.96
N CYS B 54 -8.35 4.94 4.94
CA CYS B 54 -9.78 5.17 4.86
C CYS B 54 -10.40 4.61 3.56
N ARG B 55 -9.80 4.95 2.44
CA ARG B 55 -10.13 4.45 1.10
C ARG B 55 -10.08 2.90 0.99
N LEU B 56 -9.01 2.29 1.54
CA LEU B 56 -8.98 0.84 1.52
C LEU B 56 -10.02 0.20 2.36
N TRP B 57 -10.26 0.74 3.56
CA TRP B 57 -11.21 0.14 4.44
C TRP B 57 -12.61 0.30 3.87
N SER B 58 -12.85 1.43 3.22
CA SER B 58 -14.15 1.68 2.58
C SER B 58 -14.40 0.62 1.52
N ALA B 59 -13.42 0.37 0.67
CA ALA B 59 -13.49 -0.63 -0.42
C ALA B 59 -13.71 -2.06 0.15
N VAL B 60 -12.94 -2.45 1.17
CA VAL B 60 -13.13 -3.71 1.84
C VAL B 60 -14.54 -3.83 2.46
N SER B 61 -14.97 -2.78 3.18
CA SER B 61 -16.33 -2.79 3.82
C SER B 61 -17.45 -2.93 2.78
N GLN B 62 -17.32 -2.25 1.64
CA GLN B 62 -18.34 -2.33 0.56
C GLN B 62 -18.38 -3.75 -0.04
N TYR B 63 -17.21 -4.36 -0.16
CA TYR B 63 -17.07 -5.74 -0.61
C TYR B 63 -17.77 -6.64 0.33
N ARG B 64 -17.54 -6.45 1.63
CA ARG B 64 -18.11 -7.31 2.65
C ARG B 64 -19.65 -7.17 2.72
N ARG B 65 -20.15 -5.92 2.58
CA ARG B 65 -21.60 -5.70 2.51
C ARG B 65 -22.25 -6.42 1.30
N ALA B 66 -21.57 -6.34 0.16
CA ALA B 66 -21.94 -7.04 -1.06
C ALA B 66 -21.98 -8.57 -0.91
N GLN B 67 -20.98 -9.11 -0.25
CA GLN B 67 -20.96 -10.53 0.06
C GLN B 67 -22.07 -10.93 0.96
N GLU B 68 -22.30 -10.15 2.03
CA GLU B 68 -23.46 -10.36 2.91
C GLU B 68 -24.80 -10.28 2.15
N ALA B 69 -24.91 -9.30 1.24
CA ALA B 69 -26.10 -9.14 0.41
C ALA B 69 -26.38 -10.36 -0.47
N SER B 70 -25.31 -11.03 -0.90
CA SER B 70 -25.36 -12.11 -1.88
C SER B 70 -25.81 -13.41 -1.24
N GLU B 71 -25.47 -13.57 0.04
CA GLU B 71 -26.06 -14.58 0.90
C GLU B 71 -26.39 -14.01 2.28
N GLY C 3 -8.64 19.01 -4.59
CA GLY C 3 -9.69 19.19 -3.55
C GLY C 3 -9.22 19.59 -2.17
N ASP C 4 -7.96 20.02 -2.05
CA ASP C 4 -7.50 20.45 -0.74
C ASP C 4 -8.14 21.74 -0.24
N LYS C 5 -8.55 22.60 -1.19
CA LYS C 5 -9.11 23.88 -0.82
C LYS C 5 -10.38 23.65 0.00
N GLU C 6 -11.24 22.72 -0.44
CA GLU C 6 -12.50 22.43 0.28
C GLU C 6 -12.22 21.91 1.70
N LEU C 7 -11.22 21.05 1.81
CA LEU C 7 -10.80 20.50 3.07
C LEU C 7 -10.23 21.56 3.98
N ILE C 8 -9.31 22.38 3.46
CA ILE C 8 -8.69 23.45 4.26
C ILE C 8 -9.74 24.44 4.81
N ASP C 9 -10.68 24.84 3.94
CA ASP C 9 -11.74 25.78 4.33
C ASP C 9 -12.64 25.23 5.43
N TRP C 10 -12.98 23.93 5.34
CA TRP C 10 -13.80 23.27 6.34
C TRP C 10 -13.04 23.15 7.71
N LEU C 11 -11.76 22.79 7.66
CA LEU C 11 -10.95 22.69 8.86
C LEU C 11 -10.81 24.05 9.58
N ARG C 12 -10.56 25.09 8.80
CA ARG C 12 -10.46 26.45 9.30
C ARG C 12 -11.78 26.88 9.92
N LEU C 13 -12.88 26.50 9.28
CA LEU C 13 -14.22 26.83 9.78
C LEU C 13 -14.51 26.20 11.14
N GLN C 14 -13.91 25.02 11.39
CA GLN C 14 -14.04 24.35 12.69
C GLN C 14 -13.04 24.87 13.73
N GLY C 15 -12.18 25.80 13.32
CA GLY C 15 -11.20 26.43 14.22
C GLY C 15 -9.91 25.64 14.40
N ALA C 16 -9.57 24.83 13.40
CA ALA C 16 -8.31 24.11 13.38
C ALA C 16 -7.17 25.09 13.14
N ASP C 17 -6.05 24.89 13.85
CA ASP C 17 -4.84 25.69 13.67
C ASP C 17 -4.02 25.20 12.48
N ALA C 18 -3.09 26.04 12.01
CA ALA C 18 -2.29 25.78 10.82
C ALA C 18 -1.56 24.42 10.86
N LYS C 19 -0.98 24.10 12.02
CA LYS C 19 -0.18 22.88 12.16
C LYS C 19 -1.06 21.67 12.10
N THR C 20 -2.24 21.75 12.72
CA THR C 20 -3.18 20.65 12.67
C THR C 20 -3.70 20.42 11.27
N ILE C 21 -4.00 21.51 10.57
CA ILE C 21 -4.47 21.45 9.20
C ILE C 21 -3.39 20.74 8.35
N GLU C 22 -2.13 21.12 8.55
CA GLU C 22 -1.00 20.52 7.79
C GLU C 22 -0.88 18.99 8.02
N LYS C 23 -1.04 18.60 9.28
CA LYS C 23 -1.06 17.20 9.65
C LYS C 23 -2.15 16.41 8.96
N ILE C 24 -3.39 16.92 8.97
CA ILE C 24 -4.46 16.22 8.31
C ILE C 24 -4.30 16.14 6.80
N VAL C 25 -3.85 17.26 6.20
CA VAL C 25 -3.55 17.28 4.76
C VAL C 25 -2.47 16.23 4.41
N GLU C 26 -1.43 16.17 5.23
CA GLU C 26 -0.34 15.23 4.98
C GLU C 26 -0.82 13.75 5.01
N GLU C 27 -1.89 13.47 5.76
CA GLU C 27 -2.50 12.13 5.75
C GLU C 27 -3.30 11.84 4.47
N GLY C 28 -3.59 12.86 3.67
CA GLY C 28 -4.15 12.63 2.34
C GLY C 28 -5.66 12.35 2.47
N TYR C 29 -6.27 12.79 3.55
CA TYR C 29 -7.76 12.72 3.63
C TYR C 29 -8.40 13.70 2.66
N THR C 30 -9.57 13.34 2.12
CA THR C 30 -10.45 14.30 1.47
C THR C 30 -11.53 14.75 2.46
N LEU C 31 -12.20 15.85 2.11
CA LEU C 31 -13.34 16.28 2.92
C LEU C 31 -14.37 15.17 3.00
N SER C 32 -14.62 14.51 1.88
CA SER C 32 -15.62 13.44 1.83
C SER C 32 -15.31 12.32 2.80
N ASP C 33 -14.03 11.92 2.88
CA ASP C 33 -13.59 10.94 3.84
C ASP C 33 -13.95 11.33 5.30
N ILE C 34 -13.72 12.61 5.64
CA ILE C 34 -13.88 13.11 7.01
C ILE C 34 -15.38 13.10 7.29
N LEU C 35 -16.15 13.65 6.34
CA LEU C 35 -17.58 13.84 6.59
C LEU C 35 -18.37 12.52 6.62
N ASN C 36 -17.98 11.56 5.81
CA ASN C 36 -18.70 10.32 5.63
C ASN C 36 -18.10 9.06 6.24
N GLU C 37 -16.76 8.93 6.25
CA GLU C 37 -16.14 7.63 6.51
C GLU C 37 -15.41 7.51 7.84
N ILE C 38 -14.68 8.54 8.25
CA ILE C 38 -13.81 8.39 9.42
C ILE C 38 -14.57 8.21 10.72
N THR C 39 -13.94 7.51 11.65
CA THR C 39 -14.46 7.37 12.98
C THR C 39 -13.76 8.30 13.94
N LYS C 40 -14.34 8.45 15.13
CA LYS C 40 -13.69 9.23 16.16
C LYS C 40 -12.36 8.60 16.51
N GLU C 41 -12.32 7.27 16.48
CA GLU C 41 -11.12 6.53 16.87
C GLU C 41 -9.96 6.82 15.90
N ASP C 42 -10.30 7.08 14.63
CA ASP C 42 -9.33 7.45 13.61
C ASP C 42 -8.65 8.75 13.98
N LEU C 43 -9.44 9.70 14.48
CA LEU C 43 -8.93 11.00 14.88
C LEU C 43 -8.03 10.89 16.10
N ARG C 44 -8.43 10.06 17.06
CA ARG C 44 -7.59 9.78 18.25
C ARG C 44 -6.30 9.09 17.85
N TYR C 45 -6.33 8.20 16.86
CA TYR C 45 -5.13 7.52 16.40
C TYR C 45 -4.16 8.55 15.78
N LEU C 46 -4.70 9.57 15.12
CA LEU C 46 -3.90 10.66 14.60
C LEU C 46 -3.32 11.54 15.69
N ARG C 47 -3.71 11.28 16.94
CA ARG C 47 -3.28 11.99 18.11
C ARG C 47 -3.69 13.43 18.14
N LEU C 48 -4.89 13.72 17.63
CA LEU C 48 -5.49 15.06 17.80
C LEU C 48 -5.84 15.24 19.26
N ARG C 49 -5.55 16.43 19.80
CA ARG C 49 -5.90 16.74 21.18
C ARG C 49 -7.43 16.85 21.31
N GLY C 50 -7.93 16.57 22.51
CA GLY C 50 -9.37 16.52 22.80
C GLY C 50 -10.17 17.73 22.37
N GLY C 51 -9.62 18.92 22.70
CA GLY C 51 -10.29 20.18 22.40
C GLY C 51 -10.63 20.31 20.90
N LEU C 52 -9.58 20.14 20.08
CA LEU C 52 -9.78 20.22 18.66
C LEU C 52 -10.63 19.07 18.12
N LEU C 53 -10.43 17.88 18.67
CA LEU C 53 -11.12 16.69 18.20
C LEU C 53 -12.60 16.90 18.40
N CYS C 54 -12.98 17.46 19.56
CA CYS C 54 -14.39 17.67 19.85
C CYS C 54 -15.06 18.64 18.88
N ARG C 55 -14.38 19.72 18.48
CA ARG C 55 -14.86 20.67 17.46
C ARG C 55 -15.08 20.02 16.08
N LEU C 56 -14.10 19.22 15.64
CA LEU C 56 -14.22 18.50 14.37
C LEU C 56 -15.37 17.47 14.43
N TRP C 57 -15.43 16.73 15.53
CA TRP C 57 -16.40 15.67 15.65
C TRP C 57 -17.80 16.23 15.74
N SER C 58 -17.94 17.38 16.39
CA SER C 58 -19.26 18.05 16.45
C SER C 58 -19.78 18.35 15.02
N ALA C 59 -18.89 18.92 14.20
CA ALA C 59 -19.23 19.26 12.80
C ALA C 59 -19.55 17.99 11.96
N VAL C 60 -18.71 16.96 12.06
CA VAL C 60 -18.93 15.68 11.41
C VAL C 60 -20.27 15.06 11.87
N SER C 61 -20.52 15.03 13.18
CA SER C 61 -21.76 14.47 13.73
C SER C 61 -23.01 15.19 13.22
N GLN C 62 -22.95 16.52 13.14
CA GLN C 62 -24.10 17.33 12.64
C GLN C 62 -24.36 17.02 11.15
N TYR C 63 -23.26 16.84 10.40
CA TYR C 63 -23.35 16.48 8.99
C TYR C 63 -24.00 15.11 8.85
N ARG C 64 -23.58 14.17 9.70
CA ARG C 64 -24.07 12.78 9.57
C ARG C 64 -25.53 12.67 10.01
N ARG C 65 -25.88 13.41 11.06
CA ARG C 65 -27.28 13.47 11.50
C ARG C 65 -28.19 14.07 10.43
N ALA C 66 -27.71 15.12 9.76
CA ALA C 66 -28.39 15.69 8.62
C ALA C 66 -28.69 14.75 7.47
N GLN C 67 -27.99 13.61 7.32
CA GLN C 67 -28.16 12.70 6.14
C GLN C 67 -29.33 11.69 6.29
#